data_3KR8
#
_entry.id   3KR8
#
_cell.length_a   90.750
_cell.length_b   97.975
_cell.length_c   119.464
_cell.angle_alpha   90.00
_cell.angle_beta   90.00
_cell.angle_gamma   90.00
#
_symmetry.space_group_name_H-M   'C 2 2 21'
#
loop_
_entity.id
_entity.type
_entity.pdbx_description
1 polymer Tankyrase-2
2 non-polymer 'ZINC ION'
3 non-polymer 2-[4-(trifluoromethyl)phenyl]-7,8-dihydro-5H-thiopyrano[4,3-d]pyrimidin-4-ol
4 non-polymer 'SULFATE ION'
5 non-polymer GLYCEROL
6 water water
#
_entity_poly.entity_id   1
_entity_poly.type   'polypeptide(L)'
_entity_poly.pdbx_seq_one_letter_code
;MHHHHHHSSGVDLGTENLYFQSMLNTSGSGTILIDLSPDDKEFQSVEEEMQSTVREHRDGGHAGGIFNRYNILKIQKVCN
KKLWERYTHRRKEVSEENHNHANERMLFHGSPFVNAIIHKGFDERHAYIGGMFGAGIYFAENSSKSNQYVYGIGGGTGCP
VHKDRSCYICHRQLLFCRVTLGKSFLQFSAMKMAHSPPGHHSVTGRPSVNGLALAEYVIYRGEQAYPEYLITYQIMRPEG
;
_entity_poly.pdbx_strand_id   A,C
#
loop_
_chem_comp.id
_chem_comp.type
_chem_comp.name
_chem_comp.formula
GOL non-polymer GLYCEROL 'C3 H8 O3'
SO4 non-polymer 'SULFATE ION' 'O4 S -2'
XAV non-polymer 2-[4-(trifluoromethyl)phenyl]-7,8-dihydro-5H-thiopyrano[4,3-d]pyrimidin-4-ol 'C14 H11 F3 N2 O S'
ZN non-polymer 'ZINC ION' 'Zn 2'
#
# COMPACT_ATOMS: atom_id res chain seq x y z
N GLY A 30 32.59 -11.31 -14.88
CA GLY A 30 33.74 -10.76 -14.09
C GLY A 30 33.51 -10.81 -12.58
N THR A 31 32.47 -11.48 -12.11
CA THR A 31 32.14 -11.31 -10.68
C THR A 31 32.80 -12.38 -9.87
N ILE A 32 33.36 -11.94 -8.76
CA ILE A 32 33.98 -12.80 -7.80
C ILE A 32 33.29 -12.50 -6.44
N LEU A 33 32.97 -13.56 -5.69
CA LEU A 33 32.38 -13.47 -4.34
C LEU A 33 33.42 -13.86 -3.27
N ILE A 34 33.73 -12.95 -2.36
CA ILE A 34 34.76 -13.22 -1.31
C ILE A 34 34.01 -13.37 -0.02
N ASP A 35 34.10 -14.55 0.59
CA ASP A 35 33.48 -14.79 1.90
C ASP A 35 34.13 -13.94 2.99
N LEU A 36 33.29 -13.45 3.92
CA LEU A 36 33.79 -12.71 5.07
C LEU A 36 33.70 -13.61 6.28
N SER A 37 34.74 -13.59 7.10
CA SER A 37 34.74 -14.34 8.33
C SER A 37 33.77 -13.64 9.31
N PRO A 38 33.01 -14.41 10.08
CA PRO A 38 32.24 -13.87 11.19
C PRO A 38 33.06 -12.99 12.14
N ASP A 39 34.36 -13.19 12.18
CA ASP A 39 35.29 -12.48 13.04
C ASP A 39 35.63 -11.12 12.50
N ASP A 40 35.25 -10.86 11.26
CA ASP A 40 35.62 -9.65 10.53
C ASP A 40 34.60 -8.57 10.88
N LYS A 41 35.12 -7.43 11.24
CA LYS A 41 34.27 -6.33 11.68
C LYS A 41 33.30 -5.89 10.55
N GLU A 42 33.71 -6.09 9.31
CA GLU A 42 32.86 -5.80 8.17
C GLU A 42 31.65 -6.81 8.11
N PHE A 43 31.84 -8.06 8.51
CA PHE A 43 30.73 -9.05 8.61
C PHE A 43 29.77 -8.60 9.71
N GLN A 44 30.34 -8.16 10.80
CA GLN A 44 29.54 -7.85 11.98
C GLN A 44 28.63 -6.66 11.77
N SER A 45 29.16 -5.58 11.16
CA SER A 45 28.33 -4.41 10.89
C SER A 45 27.22 -4.66 9.83
N VAL A 46 27.52 -5.43 8.80
CA VAL A 46 26.49 -5.88 7.89
C VAL A 46 25.43 -6.72 8.59
N GLU A 47 25.83 -7.75 9.35
CA GLU A 47 24.82 -8.52 10.13
C GLU A 47 24.00 -7.61 11.05
N GLU A 48 24.65 -6.69 11.77
CA GLU A 48 23.89 -5.85 12.72
C GLU A 48 22.80 -5.03 11.97
N GLU A 49 23.11 -4.55 10.77
CA GLU A 49 22.14 -3.81 10.02
C GLU A 49 21.03 -4.74 9.51
N MET A 50 21.40 -5.92 9.12
CA MET A 50 20.41 -6.88 8.73
C MET A 50 19.45 -7.15 9.92
N GLN A 51 20.00 -7.48 11.07
CA GLN A 51 19.17 -7.90 12.25
C GLN A 51 18.38 -6.74 12.84
N SER A 52 19.01 -5.58 12.94
CA SER A 52 18.36 -4.47 13.65
C SER A 52 17.25 -3.78 12.86
N THR A 53 17.15 -4.03 11.55
CA THR A 53 16.13 -3.37 10.73
C THR A 53 14.96 -4.26 10.38
N VAL A 54 14.81 -5.36 11.13
CA VAL A 54 13.61 -6.18 11.06
C VAL A 54 12.46 -5.46 11.78
N ARG A 55 11.27 -5.45 11.18
CA ARG A 55 10.06 -4.95 11.88
C ARG A 55 8.91 -5.93 11.61
N GLU A 56 7.77 -5.68 12.21
CA GLU A 56 6.58 -6.43 11.87
C GLU A 56 5.90 -5.78 10.68
N HIS A 57 5.24 -6.59 9.89
CA HIS A 57 4.65 -6.14 8.68
C HIS A 57 3.16 -6.19 8.73
N ARG A 58 2.50 -5.35 7.93
CA ARG A 58 1.06 -5.18 8.05
C ARG A 58 0.28 -6.40 7.55
N ASP A 59 0.96 -7.25 6.80
CA ASP A 59 0.38 -8.49 6.32
C ASP A 59 0.47 -9.65 7.29
N GLY A 60 0.89 -9.37 8.51
CA GLY A 60 1.02 -10.40 9.56
C GLY A 60 2.03 -11.48 9.21
N GLY A 61 2.84 -11.22 8.17
CA GLY A 61 3.92 -12.12 7.73
C GLY A 61 3.55 -12.94 6.53
N HIS A 62 2.47 -12.56 5.84
CA HIS A 62 1.98 -13.34 4.71
C HIS A 62 3.01 -13.47 3.60
N ALA A 63 3.61 -12.32 3.20
CA ALA A 63 4.54 -12.29 2.02
C ALA A 63 5.89 -12.84 2.38
N GLY A 64 6.36 -12.51 3.58
CA GLY A 64 7.73 -12.72 3.92
C GLY A 64 8.01 -13.75 4.97
N GLY A 65 6.97 -14.28 5.63
CA GLY A 65 7.15 -15.16 6.79
C GLY A 65 7.03 -14.45 8.12
N ILE A 66 6.90 -15.25 9.17
CA ILE A 66 6.80 -14.74 10.55
C ILE A 66 8.14 -14.98 11.22
N PHE A 67 8.77 -13.88 11.66
CA PHE A 67 10.09 -13.95 12.31
C PHE A 67 10.41 -12.61 12.87
N ASN A 68 11.32 -12.60 13.84
CA ASN A 68 11.81 -11.40 14.44
C ASN A 68 13.27 -11.21 14.17
N ARG A 69 13.92 -12.27 13.73
CA ARG A 69 15.33 -12.21 13.47
C ARG A 69 15.76 -13.25 12.48
N TYR A 70 17.01 -13.14 12.04
CA TYR A 70 17.57 -14.08 11.06
C TYR A 70 18.70 -14.95 11.60
N ASN A 71 18.85 -16.11 11.01
CA ASN A 71 20.08 -16.88 11.09
C ASN A 71 20.95 -16.58 9.89
N ILE A 72 21.99 -15.81 10.13
CA ILE A 72 22.90 -15.44 9.06
C ILE A 72 23.88 -16.58 8.81
N LEU A 73 23.91 -17.05 7.59
CA LEU A 73 24.73 -18.19 7.23
C LEU A 73 26.01 -17.74 6.54
N LYS A 74 25.95 -16.63 5.81
CA LYS A 74 27.08 -16.23 5.01
C LYS A 74 26.92 -14.79 4.52
N ILE A 75 28.04 -14.06 4.52
CA ILE A 75 28.07 -12.75 3.91
C ILE A 75 29.25 -12.69 2.98
N GLN A 76 29.00 -12.39 1.71
CA GLN A 76 30.03 -12.24 0.69
C GLN A 76 30.17 -10.81 0.12
N LYS A 77 31.41 -10.37 -0.15
CA LYS A 77 31.67 -9.12 -0.86
C LYS A 77 31.45 -9.50 -2.30
N VAL A 78 30.65 -8.72 -3.01
CA VAL A 78 30.54 -8.87 -4.44
C VAL A 78 31.56 -7.97 -5.13
N CYS A 79 32.42 -8.55 -5.98
CA CYS A 79 33.54 -7.80 -6.58
C CYS A 79 33.50 -7.96 -8.07
N ASN A 80 33.36 -6.83 -8.75
CA ASN A 80 33.29 -6.78 -10.19
C ASN A 80 33.73 -5.39 -10.62
N LYS A 81 34.92 -5.31 -11.18
CA LYS A 81 35.52 -4.01 -11.52
C LYS A 81 34.65 -3.24 -12.51
N LYS A 82 34.16 -3.92 -13.54
CA LYS A 82 33.32 -3.30 -14.57
C LYS A 82 32.07 -2.64 -13.97
N LEU A 83 31.38 -3.38 -13.12
CA LEU A 83 30.11 -2.93 -12.58
C LEU A 83 30.33 -1.85 -11.50
N TRP A 84 31.45 -1.92 -10.80
CA TRP A 84 31.80 -0.89 -9.85
C TRP A 84 32.05 0.43 -10.55
N GLU A 85 32.72 0.36 -11.68
CA GLU A 85 33.10 1.53 -12.42
C GLU A 85 31.89 2.11 -13.12
N ARG A 86 30.95 1.25 -13.53
CA ARG A 86 29.64 1.70 -14.01
C ARG A 86 28.91 2.50 -12.90
N TYR A 87 28.92 1.94 -11.70
CA TYR A 87 28.32 2.61 -10.53
C TYR A 87 28.98 3.97 -10.26
N THR A 88 30.32 4.00 -10.15
CA THR A 88 31.00 5.25 -9.75
C THR A 88 30.97 6.35 -10.83
N HIS A 89 30.93 5.95 -12.10
CA HIS A 89 30.80 6.91 -13.18
C HIS A 89 29.47 7.66 -12.98
N ARG A 90 28.41 6.90 -12.71
CA ARG A 90 27.11 7.53 -12.56
C ARG A 90 27.05 8.37 -11.26
N ARG A 91 27.70 7.87 -10.22
CA ARG A 91 27.72 8.55 -8.95
C ARG A 91 28.28 9.97 -9.12
N LYS A 92 29.37 10.07 -9.89
CA LYS A 92 30.02 11.36 -10.16
C LYS A 92 29.09 12.29 -10.96
N GLU A 93 28.38 11.73 -11.96
CA GLU A 93 27.44 12.55 -12.70
C GLU A 93 26.38 13.13 -11.75
N VAL A 94 25.79 12.29 -10.92
CA VAL A 94 24.80 12.71 -9.96
C VAL A 94 25.33 13.81 -8.99
N SER A 95 26.48 13.51 -8.41
CA SER A 95 27.13 14.35 -7.46
C SER A 95 27.39 15.76 -8.07
N GLU A 96 27.90 15.81 -9.30
CA GLU A 96 28.04 17.09 -9.95
C GLU A 96 26.72 17.85 -10.23
N GLU A 97 25.61 17.13 -10.37
CA GLU A 97 24.27 17.74 -10.52
C GLU A 97 23.65 18.21 -9.18
N ASN A 98 24.33 17.92 -8.09
CA ASN A 98 23.72 18.04 -6.77
C ASN A 98 24.77 18.57 -5.74
N HIS A 99 25.42 19.66 -6.10
CA HIS A 99 26.41 20.33 -5.23
C HIS A 99 27.37 19.33 -4.59
N ASN A 100 27.96 18.49 -5.42
CA ASN A 100 28.94 17.48 -5.01
C ASN A 100 28.43 16.52 -3.89
N HIS A 101 27.19 16.15 -3.98
CA HIS A 101 26.55 15.30 -2.96
C HIS A 101 25.81 14.21 -3.65
N ALA A 102 26.41 13.03 -3.65
CA ALA A 102 25.79 11.81 -4.21
C ALA A 102 24.59 11.34 -3.38
N ASN A 103 24.57 11.66 -2.08
CA ASN A 103 23.47 11.22 -1.21
C ASN A 103 23.38 9.70 -1.31
N GLU A 104 24.48 9.08 -0.92
CA GLU A 104 24.71 7.65 -1.06
C GLU A 104 24.22 6.91 0.20
N ARG A 105 23.43 5.87 0.00
CA ARG A 105 22.90 5.05 1.11
C ARG A 105 23.34 3.59 1.02
N MET A 106 23.26 2.85 2.14
CA MET A 106 23.33 1.41 2.10
C MET A 106 21.96 0.85 2.36
N LEU A 107 21.43 0.12 1.39
CA LEU A 107 20.02 -0.27 1.40
C LEU A 107 19.85 -1.75 1.00
N PHE A 108 18.78 -2.37 1.45
CA PHE A 108 18.56 -3.76 1.13
C PHE A 108 17.79 -3.91 -0.15
N HIS A 109 18.10 -4.97 -0.89
CA HIS A 109 17.32 -5.35 -2.03
C HIS A 109 17.07 -6.85 -2.03
N GLY A 110 15.81 -7.22 -2.29
CA GLY A 110 15.38 -8.60 -2.37
C GLY A 110 14.79 -8.88 -3.74
N SER A 111 15.21 -9.97 -4.38
CA SER A 111 14.74 -10.26 -5.74
C SER A 111 14.88 -11.70 -6.09
N PRO A 112 13.94 -12.22 -6.90
CA PRO A 112 14.23 -13.53 -7.48
C PRO A 112 15.42 -13.48 -8.42
N PHE A 113 15.87 -12.29 -8.79
CA PHE A 113 16.97 -12.17 -9.77
C PHE A 113 18.32 -11.85 -9.18
N VAL A 114 18.52 -12.18 -7.90
CA VAL A 114 19.77 -11.92 -7.19
C VAL A 114 20.97 -12.37 -8.03
N ASN A 115 20.92 -13.59 -8.58
CA ASN A 115 22.06 -14.11 -9.31
C ASN A 115 22.38 -13.28 -10.52
N ALA A 116 21.39 -13.00 -11.37
CA ALA A 116 21.67 -12.11 -12.50
C ALA A 116 22.14 -10.72 -12.03
N ILE A 117 21.70 -10.25 -10.85
CA ILE A 117 22.11 -8.90 -10.43
C ILE A 117 23.60 -8.90 -10.09
N ILE A 118 24.08 -9.91 -9.41
CA ILE A 118 25.46 -9.92 -8.98
C ILE A 118 26.41 -10.15 -10.15
N HIS A 119 25.92 -10.79 -11.21
CA HIS A 119 26.73 -11.09 -12.35
C HIS A 119 26.67 -10.05 -13.46
N LYS A 120 25.52 -9.45 -13.68
CA LYS A 120 25.35 -8.54 -14.79
C LYS A 120 25.04 -7.10 -14.39
N GLY A 121 24.79 -6.85 -13.12
CA GLY A 121 24.46 -5.51 -12.64
C GLY A 121 22.96 -5.31 -12.69
N PHE A 122 22.50 -4.26 -12.02
CA PHE A 122 21.10 -3.83 -12.05
C PHE A 122 20.75 -3.23 -13.42
N ASP A 123 19.62 -3.62 -13.97
CA ASP A 123 19.08 -2.98 -15.15
C ASP A 123 17.54 -3.13 -15.13
N GLU A 124 16.91 -2.75 -16.23
CA GLU A 124 15.43 -2.75 -16.38
C GLU A 124 14.70 -4.03 -16.02
N ARG A 125 15.35 -5.16 -16.16
CA ARG A 125 14.72 -6.47 -15.92
C ARG A 125 14.56 -6.76 -14.42
N HIS A 126 15.11 -5.88 -13.58
CA HIS A 126 15.01 -5.99 -12.11
C HIS A 126 14.04 -5.01 -11.48
N ALA A 127 13.33 -4.27 -12.33
CA ALA A 127 12.45 -3.22 -11.92
C ALA A 127 11.18 -3.83 -11.44
N TYR A 128 10.57 -3.20 -10.45
CA TYR A 128 9.26 -3.57 -9.97
C TYR A 128 8.26 -2.77 -10.80
N ILE A 129 7.77 -3.36 -11.89
CA ILE A 129 6.95 -2.60 -12.84
C ILE A 129 5.75 -2.04 -12.09
N GLY A 130 5.18 -2.81 -11.19
CA GLY A 130 3.95 -2.42 -10.53
C GLY A 130 4.16 -1.64 -9.23
N GLY A 131 5.34 -1.08 -9.02
CA GLY A 131 5.63 -0.41 -7.75
C GLY A 131 4.80 0.85 -7.52
N MET A 132 4.65 1.24 -6.27
CA MET A 132 3.80 2.39 -5.98
C MET A 132 4.39 3.74 -6.44
N PHE A 133 5.65 3.76 -6.80
CA PHE A 133 6.26 4.98 -7.28
C PHE A 133 6.70 4.75 -8.69
N GLY A 134 6.10 3.76 -9.36
CA GLY A 134 6.36 3.54 -10.79
C GLY A 134 7.38 2.45 -11.09
N ALA A 135 7.58 2.20 -12.39
CA ALA A 135 8.46 1.16 -12.85
C ALA A 135 9.87 1.63 -12.52
N GLY A 136 10.48 1.00 -11.55
CA GLY A 136 11.86 1.31 -11.16
C GLY A 136 12.36 0.23 -10.24
N ILE A 137 13.58 0.43 -9.75
CA ILE A 137 14.27 -0.54 -8.89
C ILE A 137 14.16 -0.06 -7.45
N TYR A 138 13.60 -0.94 -6.59
CA TYR A 138 13.20 -0.58 -5.26
C TYR A 138 14.18 -1.10 -4.20
N PHE A 139 14.38 -0.28 -3.17
CA PHE A 139 15.30 -0.58 -2.09
C PHE A 139 14.70 -0.22 -0.76
N ALA A 140 15.06 -0.94 0.29
CA ALA A 140 14.46 -0.70 1.58
C ALA A 140 15.50 -0.51 2.70
N GLU A 141 15.19 0.40 3.62
CA GLU A 141 15.91 0.47 4.88
C GLU A 141 15.64 -0.74 5.76
N ASN A 142 14.41 -1.21 5.80
CA ASN A 142 14.06 -2.43 6.55
C ASN A 142 14.45 -3.72 5.78
N SER A 143 15.35 -4.52 6.35
CA SER A 143 15.78 -5.72 5.70
C SER A 143 14.53 -6.64 5.46
N SER A 144 13.63 -6.66 6.44
CA SER A 144 12.40 -7.48 6.47
C SER A 144 11.41 -7.05 5.43
N LYS A 145 11.48 -5.79 4.97
CA LYS A 145 10.68 -5.38 3.78
C LYS A 145 11.21 -6.04 2.51
N SER A 146 12.51 -5.97 2.31
CA SER A 146 13.14 -6.66 1.16
C SER A 146 12.95 -8.15 1.19
N ASN A 147 13.02 -8.73 2.38
CA ASN A 147 12.75 -10.15 2.54
C ASN A 147 11.45 -10.56 1.87
N GLN A 148 10.46 -9.67 1.87
CA GLN A 148 9.15 -9.97 1.26
C GLN A 148 9.23 -10.24 -0.24
N TYR A 149 10.31 -9.83 -0.89
CA TYR A 149 10.46 -9.99 -2.36
C TYR A 149 11.45 -11.07 -2.78
N VAL A 150 12.02 -11.80 -1.82
CA VAL A 150 12.97 -12.86 -2.09
C VAL A 150 12.38 -13.93 -3.04
N TYR A 151 11.14 -14.32 -2.79
CA TYR A 151 10.49 -15.35 -3.60
C TYR A 151 9.50 -14.77 -4.61
N GLY A 152 9.58 -13.48 -4.81
CA GLY A 152 8.79 -12.83 -5.84
C GLY A 152 7.93 -11.75 -5.19
N ILE A 153 7.19 -11.04 -6.03
CA ILE A 153 6.28 -10.00 -5.56
C ILE A 153 5.26 -10.65 -4.63
N GLY A 154 5.07 -10.08 -3.46
CA GLY A 154 4.13 -10.66 -2.51
C GLY A 154 4.57 -11.98 -1.97
N GLY A 155 5.88 -12.25 -2.06
CA GLY A 155 6.44 -13.55 -1.67
C GLY A 155 6.22 -14.67 -2.68
N GLY A 156 5.53 -14.38 -3.78
CA GLY A 156 5.22 -15.36 -4.78
C GLY A 156 4.52 -16.54 -4.17
N THR A 157 4.95 -17.74 -4.56
CA THR A 157 4.44 -18.98 -3.96
C THR A 157 5.40 -19.53 -2.89
N GLY A 158 6.31 -18.70 -2.41
CA GLY A 158 7.24 -19.08 -1.36
C GLY A 158 8.39 -19.88 -1.90
N CYS A 159 9.08 -20.58 -1.03
CA CYS A 159 10.28 -21.29 -1.42
C CYS A 159 9.94 -22.29 -2.52
N PRO A 160 10.91 -22.58 -3.38
CA PRO A 160 10.72 -23.59 -4.42
C PRO A 160 10.52 -25.01 -3.89
N VAL A 161 11.15 -25.33 -2.76
CA VAL A 161 11.14 -26.71 -2.28
C VAL A 161 9.80 -27.09 -1.62
N HIS A 162 9.35 -26.26 -0.67
CA HIS A 162 8.11 -26.48 0.09
C HIS A 162 6.91 -25.56 -0.27
N LYS A 163 7.06 -24.63 -1.20
CA LYS A 163 6.00 -23.66 -1.50
C LYS A 163 5.46 -22.97 -0.27
N ASP A 164 6.38 -22.45 0.55
CA ASP A 164 6.08 -21.96 1.85
C ASP A 164 6.75 -20.57 1.97
N ARG A 165 5.94 -19.52 2.02
CA ARG A 165 6.46 -18.16 2.12
C ARG A 165 7.15 -17.89 3.44
N SER A 166 6.87 -18.72 4.45
CA SER A 166 7.44 -18.60 5.78
C SER A 166 8.39 -19.78 6.06
N CYS A 167 9.05 -20.29 5.01
CA CYS A 167 9.90 -21.47 5.19
C CYS A 167 11.05 -21.11 6.09
N TYR A 168 11.23 -21.91 7.12
CA TYR A 168 12.29 -21.72 8.09
C TYR A 168 13.51 -22.57 7.77
N ILE A 169 13.38 -23.41 6.76
CA ILE A 169 14.44 -24.35 6.42
C ILE A 169 15.28 -23.83 5.23
N CYS A 170 14.60 -23.37 4.18
CA CYS A 170 15.32 -23.02 2.97
C CYS A 170 16.17 -21.74 3.12
N HIS A 171 17.35 -21.80 2.51
CA HIS A 171 18.30 -20.70 2.51
C HIS A 171 17.78 -19.56 1.61
N ARG A 172 17.74 -18.33 2.15
CA ARG A 172 17.40 -17.10 1.41
C ARG A 172 18.61 -16.23 1.14
N GLN A 173 18.53 -15.37 0.12
CA GLN A 173 19.53 -14.36 -0.13
C GLN A 173 18.96 -12.95 -0.32
N LEU A 174 19.64 -11.97 0.24
CA LEU A 174 19.30 -10.56 0.13
C LEU A 174 20.55 -9.83 -0.39
N LEU A 175 20.38 -8.69 -1.07
CA LEU A 175 21.52 -7.86 -1.39
C LEU A 175 21.54 -6.69 -0.42
N PHE A 176 22.73 -6.32 0.06
CA PHE A 176 22.94 -5.03 0.78
C PHE A 176 23.72 -4.16 -0.17
N CYS A 177 23.06 -3.12 -0.70
CA CYS A 177 23.52 -2.37 -1.83
C CYS A 177 23.93 -0.92 -1.52
N ARG A 178 24.97 -0.45 -2.21
CA ARG A 178 25.31 0.95 -2.18
C ARG A 178 24.45 1.62 -3.24
N VAL A 179 23.68 2.62 -2.82
CA VAL A 179 22.67 3.30 -3.67
C VAL A 179 22.90 4.82 -3.71
N THR A 180 22.95 5.36 -4.94
CA THR A 180 23.05 6.80 -5.09
C THR A 180 21.66 7.41 -5.21
N LEU A 181 21.24 8.22 -4.24
CA LEU A 181 19.92 8.84 -4.34
C LEU A 181 19.94 10.21 -5.02
N GLY A 182 21.03 10.93 -4.89
CA GLY A 182 21.03 12.31 -5.36
C GLY A 182 19.92 13.13 -4.67
N LYS A 183 19.29 13.99 -5.46
CA LYS A 183 18.15 14.80 -5.02
C LYS A 183 16.96 13.95 -5.18
N SER A 184 16.35 13.61 -4.05
CA SER A 184 15.29 12.61 -4.04
C SER A 184 13.91 13.27 -3.87
N PHE A 185 12.94 12.82 -4.65
CA PHE A 185 11.57 13.35 -4.61
C PHE A 185 10.83 12.67 -3.45
N LEU A 186 10.36 13.46 -2.50
CA LEU A 186 9.73 12.98 -1.26
C LEU A 186 8.25 12.72 -1.49
N GLN A 187 7.82 11.53 -1.15
CA GLN A 187 6.46 11.12 -1.30
C GLN A 187 6.01 10.63 0.05
N PHE A 188 4.95 11.22 0.58
CA PHE A 188 4.38 10.84 1.86
C PHE A 188 3.33 9.78 1.56
N SER A 189 3.29 8.69 2.33
CA SER A 189 2.41 7.54 1.96
C SER A 189 2.42 6.42 2.99
N ALA A 194 10.43 3.81 -15.92
CA ALA A 194 9.99 5.21 -15.84
C ALA A 194 11.19 6.18 -15.70
N HIS A 195 10.90 7.45 -15.44
CA HIS A 195 11.93 8.44 -15.15
C HIS A 195 11.69 8.95 -13.73
N SER A 196 12.75 9.36 -13.06
CA SER A 196 12.56 10.08 -11.82
C SER A 196 11.88 11.37 -12.22
N PRO A 197 11.14 11.96 -11.28
CA PRO A 197 10.54 13.27 -11.53
C PRO A 197 11.57 14.26 -12.01
N PRO A 198 11.20 15.11 -13.00
CA PRO A 198 12.07 16.20 -13.43
C PRO A 198 12.91 16.84 -12.30
N GLY A 199 14.19 17.00 -12.56
CA GLY A 199 15.11 17.62 -11.63
C GLY A 199 15.47 16.77 -10.42
N HIS A 200 15.14 15.47 -10.47
CA HIS A 200 15.42 14.57 -9.38
C HIS A 200 16.16 13.32 -9.86
N HIS A 201 16.77 12.60 -8.92
CA HIS A 201 17.52 11.39 -9.26
C HIS A 201 16.94 10.11 -8.67
N SER A 202 15.95 10.26 -7.83
CA SER A 202 15.30 9.14 -7.21
C SER A 202 14.02 9.59 -6.54
N VAL A 203 13.29 8.61 -6.01
CA VAL A 203 12.11 8.86 -5.21
C VAL A 203 12.26 8.21 -3.86
N THR A 204 11.89 8.93 -2.81
CA THR A 204 11.79 8.39 -1.46
C THR A 204 10.34 8.20 -1.01
N GLY A 205 10.01 7.00 -0.62
CA GLY A 205 8.73 6.70 0.04
C GLY A 205 8.83 6.83 1.55
N ARG A 206 8.25 7.90 2.08
CA ARG A 206 8.20 8.10 3.50
C ARG A 206 6.95 7.44 4.07
N PRO A 207 7.12 6.57 5.06
CA PRO A 207 5.88 6.04 5.66
C PRO A 207 5.12 7.11 6.45
N SER A 208 3.79 7.14 6.27
CA SER A 208 2.87 8.15 6.85
C SER A 208 1.61 7.54 7.51
N VAL A 209 1.69 6.29 7.96
CA VAL A 209 0.60 5.64 8.69
C VAL A 209 1.24 4.74 9.76
N ASN A 210 1.96 3.70 9.29
CA ASN A 210 2.82 2.85 10.16
C ASN A 210 4.03 3.65 10.69
N GLY A 211 3.90 3.99 11.98
CA GLY A 211 4.89 4.71 12.71
C GLY A 211 6.20 4.02 12.85
N LEU A 212 6.25 2.70 12.72
CA LEU A 212 7.53 1.96 12.85
C LEU A 212 8.25 1.65 11.52
N ALA A 213 7.58 1.88 10.40
CA ALA A 213 8.19 1.59 9.08
C ALA A 213 9.35 2.53 8.79
N LEU A 214 10.35 2.00 8.11
CA LEU A 214 11.42 2.82 7.61
C LEU A 214 11.12 3.14 6.16
N ALA A 215 11.90 4.06 5.62
CA ALA A 215 11.78 4.51 4.28
C ALA A 215 12.12 3.44 3.25
N GLU A 216 11.48 3.59 2.09
CA GLU A 216 11.74 2.78 0.88
C GLU A 216 12.11 3.77 -0.21
N TYR A 217 12.96 3.34 -1.12
CA TYR A 217 13.51 4.19 -2.16
C TYR A 217 13.46 3.53 -3.52
N VAL A 218 13.35 4.35 -4.57
CA VAL A 218 13.31 3.88 -5.96
C VAL A 218 14.25 4.70 -6.83
N ILE A 219 15.08 4.00 -7.62
CA ILE A 219 15.93 4.65 -8.61
C ILE A 219 15.44 4.11 -9.95
N TYR A 220 15.68 4.91 -10.97
CA TYR A 220 15.21 4.58 -12.33
C TYR A 220 16.33 4.22 -13.28
N ARG A 221 17.57 4.24 -12.82
CA ARG A 221 18.68 3.80 -13.66
C ARG A 221 19.47 2.77 -12.87
N GLY A 222 19.66 1.57 -13.41
CA GLY A 222 20.45 0.53 -12.73
C GLY A 222 21.86 0.91 -12.29
N GLU A 223 22.48 1.82 -13.00
CA GLU A 223 23.82 2.30 -12.72
C GLU A 223 23.94 3.01 -11.39
N GLN A 224 22.80 3.37 -10.78
CA GLN A 224 22.78 4.07 -9.49
C GLN A 224 22.79 3.15 -8.28
N ALA A 225 22.90 1.82 -8.47
CA ALA A 225 23.09 0.89 -7.35
C ALA A 225 24.24 -0.11 -7.64
N TYR A 226 24.92 -0.56 -6.61
CA TYR A 226 25.98 -1.59 -6.74
C TYR A 226 25.70 -2.62 -5.65
N PRO A 227 25.63 -3.92 -6.00
CA PRO A 227 25.37 -4.93 -4.96
C PRO A 227 26.58 -5.34 -4.12
N GLU A 228 26.90 -4.60 -3.09
CA GLU A 228 28.13 -4.78 -2.35
C GLU A 228 28.18 -6.12 -1.63
N TYR A 229 27.07 -6.51 -0.98
CA TYR A 229 27.05 -7.74 -0.18
C TYR A 229 25.93 -8.64 -0.57
N LEU A 230 26.27 -9.92 -0.75
CA LEU A 230 25.31 -11.02 -0.87
C LEU A 230 25.23 -11.67 0.49
N ILE A 231 24.03 -11.61 1.08
CA ILE A 231 23.79 -12.18 2.40
C ILE A 231 22.92 -13.43 2.24
N THR A 232 23.39 -14.56 2.78
CA THR A 232 22.62 -15.81 2.77
C THR A 232 22.12 -16.13 4.20
N TYR A 233 20.84 -16.47 4.32
CA TYR A 233 20.24 -16.59 5.64
C TYR A 233 18.98 -17.42 5.63
N GLN A 234 18.50 -17.69 6.85
CA GLN A 234 17.17 -18.24 7.08
C GLN A 234 16.41 -17.30 8.02
N ILE A 235 15.09 -17.19 7.83
CA ILE A 235 14.26 -16.52 8.83
C ILE A 235 14.08 -17.54 9.97
N MET A 236 14.11 -17.07 11.20
CA MET A 236 14.02 -17.90 12.41
C MET A 236 12.63 -17.87 13.06
N ARG A 237 12.12 -19.07 13.35
CA ARG A 237 10.80 -19.25 13.94
C ARG A 237 10.88 -18.62 15.32
N PRO A 238 9.95 -17.71 15.65
CA PRO A 238 9.94 -17.15 16.98
C PRO A 238 9.57 -18.21 18.02
N GLU A 239 10.02 -18.01 19.25
CA GLU A 239 9.62 -18.91 20.32
C GLU A 239 8.32 -18.39 20.89
N GLY B 30 -6.15 -6.57 15.71
CA GLY B 30 -5.90 -7.90 15.06
C GLY B 30 -6.14 -7.89 13.53
N THR B 31 -5.96 -6.74 12.90
CA THR B 31 -6.15 -6.65 11.45
C THR B 31 -4.90 -7.06 10.69
N ILE B 32 -5.10 -7.86 9.66
CA ILE B 32 -4.08 -8.23 8.70
C ILE B 32 -4.53 -7.71 7.34
N LEU B 33 -3.60 -7.10 6.60
CA LEU B 33 -3.84 -6.65 5.23
C LEU B 33 -3.06 -7.50 4.27
N ILE B 34 -3.72 -8.04 3.26
CA ILE B 34 -3.11 -8.92 2.23
C ILE B 34 -3.19 -8.21 0.92
N ASP B 35 -2.09 -8.02 0.23
CA ASP B 35 -2.14 -7.35 -1.07
C ASP B 35 -2.73 -8.27 -2.10
N LEU B 36 -3.54 -7.73 -2.98
CA LEU B 36 -4.00 -8.46 -4.13
C LEU B 36 -3.09 -8.12 -5.30
N SER B 37 -2.72 -9.15 -6.05
CA SER B 37 -1.94 -8.95 -7.25
C SER B 37 -2.80 -8.30 -8.30
N PRO B 38 -2.23 -7.36 -9.07
CA PRO B 38 -2.94 -6.77 -10.19
C PRO B 38 -3.37 -7.77 -11.30
N ASP B 39 -2.76 -8.96 -11.30
CA ASP B 39 -3.08 -10.03 -12.26
C ASP B 39 -4.26 -10.86 -11.76
N ASP B 40 -4.70 -10.58 -10.53
CA ASP B 40 -5.79 -11.28 -9.86
C ASP B 40 -7.11 -10.65 -10.35
N LYS B 41 -8.10 -11.48 -10.66
CA LYS B 41 -9.40 -10.98 -11.10
C LYS B 41 -10.10 -10.21 -9.97
N GLU B 42 -9.90 -10.63 -8.74
CA GLU B 42 -10.41 -9.88 -7.62
C GLU B 42 -9.93 -8.41 -7.67
N PHE B 43 -8.65 -8.21 -7.94
CA PHE B 43 -8.05 -6.86 -8.07
C PHE B 43 -8.73 -6.14 -9.19
N GLN B 44 -8.88 -6.84 -10.31
CA GLN B 44 -9.44 -6.21 -11.51
C GLN B 44 -10.89 -5.78 -11.35
N SER B 45 -11.69 -6.57 -10.63
CA SER B 45 -13.09 -6.18 -10.48
C SER B 45 -13.23 -5.03 -9.49
N VAL B 46 -12.44 -5.04 -8.41
CA VAL B 46 -12.47 -3.90 -7.52
C VAL B 46 -12.03 -2.62 -8.23
N GLU B 47 -10.93 -2.66 -8.99
CA GLU B 47 -10.53 -1.50 -9.80
C GLU B 47 -11.64 -1.06 -10.74
N GLU B 48 -12.29 -1.97 -11.43
CA GLU B 48 -13.31 -1.54 -12.39
C GLU B 48 -14.53 -0.92 -11.70
N GLU B 49 -14.88 -1.42 -10.53
CA GLU B 49 -15.88 -0.80 -9.71
C GLU B 49 -15.45 0.64 -9.31
N MET B 50 -14.21 0.83 -8.85
CA MET B 50 -13.67 2.20 -8.69
C MET B 50 -13.79 3.09 -9.93
N GLN B 51 -13.22 2.64 -11.03
CA GLN B 51 -13.14 3.44 -12.25
C GLN B 51 -14.50 3.71 -12.89
N SER B 52 -15.36 2.69 -12.97
CA SER B 52 -16.61 2.81 -13.68
C SER B 52 -17.66 3.66 -12.94
N THR B 53 -17.45 3.98 -11.65
CA THR B 53 -18.40 4.77 -10.83
C THR B 53 -17.91 6.19 -10.50
N VAL B 54 -16.91 6.68 -11.25
CA VAL B 54 -16.47 8.10 -11.25
C VAL B 54 -17.54 8.92 -11.98
N ARG B 55 -17.93 10.04 -11.41
CA ARG B 55 -18.81 10.93 -12.13
C ARG B 55 -18.32 12.34 -11.94
N GLU B 56 -18.94 13.23 -12.68
CA GLU B 56 -18.79 14.64 -12.48
C GLU B 56 -19.60 15.02 -11.24
N HIS B 57 -19.10 16.00 -10.51
CA HIS B 57 -19.71 16.53 -9.29
C HIS B 57 -20.06 17.98 -9.47
N ARG B 58 -21.16 18.38 -8.83
CA ARG B 58 -21.77 19.70 -9.02
C ARG B 58 -20.93 20.82 -8.47
N ASP B 59 -19.93 20.49 -7.64
CA ASP B 59 -19.00 21.51 -7.14
C ASP B 59 -17.81 21.77 -8.05
N GLY B 60 -17.84 21.22 -9.24
CA GLY B 60 -16.74 21.38 -10.19
C GLY B 60 -15.40 20.79 -9.76
N GLY B 61 -15.39 19.90 -8.78
CA GLY B 61 -14.12 19.36 -8.26
C GLY B 61 -13.63 20.00 -6.98
N HIS B 62 -14.36 21.01 -6.46
CA HIS B 62 -13.94 21.68 -5.25
C HIS B 62 -13.56 20.71 -4.11
N ALA B 63 -14.42 19.76 -3.81
CA ALA B 63 -14.20 18.93 -2.63
C ALA B 63 -13.15 17.82 -2.86
N GLY B 64 -13.27 17.13 -3.99
CA GLY B 64 -12.48 15.96 -4.28
C GLY B 64 -11.42 16.08 -5.32
N GLY B 65 -11.44 17.16 -6.09
CA GLY B 65 -10.48 17.33 -7.17
C GLY B 65 -11.13 17.17 -8.52
N ILE B 66 -10.35 17.47 -9.54
CA ILE B 66 -10.74 17.38 -10.96
C ILE B 66 -10.08 16.16 -11.58
N PHE B 67 -10.92 15.21 -11.99
CA PHE B 67 -10.45 13.92 -12.49
C PHE B 67 -11.60 13.11 -13.13
N ASN B 68 -11.27 12.26 -14.08
CA ASN B 68 -12.21 11.35 -14.71
C ASN B 68 -11.86 9.91 -14.38
N ARG B 69 -10.69 9.70 -13.78
CA ARG B 69 -10.17 8.36 -13.49
C ARG B 69 -9.04 8.42 -12.46
N TYR B 70 -8.71 7.25 -11.93
CA TYR B 70 -7.74 7.11 -10.90
C TYR B 70 -6.48 6.37 -11.39
N ASN B 71 -5.36 6.59 -10.71
CA ASN B 71 -4.25 5.63 -10.78
C ASN B 71 -4.32 4.71 -9.52
N ILE B 72 -4.70 3.45 -9.72
CA ILE B 72 -4.81 2.50 -8.60
C ILE B 72 -3.41 1.99 -8.33
N LEU B 73 -2.95 2.18 -7.10
CA LEU B 73 -1.58 1.88 -6.69
C LEU B 73 -1.51 0.56 -5.95
N LYS B 74 -2.50 0.30 -5.10
CA LYS B 74 -2.59 -0.96 -4.38
C LYS B 74 -4.02 -1.32 -3.96
N ILE B 75 -4.33 -2.60 -3.86
CA ILE B 75 -5.59 -3.02 -3.26
C ILE B 75 -5.32 -4.16 -2.31
N GLN B 76 -5.75 -3.99 -1.06
CA GLN B 76 -5.52 -4.96 0.01
C GLN B 76 -6.82 -5.49 0.56
N LYS B 77 -6.85 -6.79 0.78
CA LYS B 77 -7.94 -7.38 1.53
C LYS B 77 -7.79 -7.14 3.05
N VAL B 78 -8.81 -6.58 3.71
CA VAL B 78 -8.74 -6.32 5.16
C VAL B 78 -9.25 -7.55 5.96
N CYS B 79 -8.42 -8.20 6.76
CA CYS B 79 -8.89 -9.44 7.45
C CYS B 79 -8.82 -9.24 8.96
N ASN B 80 -9.93 -9.50 9.64
CA ASN B 80 -10.02 -9.34 11.07
C ASN B 80 -11.20 -10.18 11.48
N LYS B 81 -10.88 -11.33 12.10
CA LYS B 81 -11.88 -12.33 12.50
C LYS B 81 -12.89 -11.72 13.51
N LYS B 82 -12.39 -11.05 14.54
CA LYS B 82 -13.30 -10.44 15.49
C LYS B 82 -14.29 -9.48 14.82
N LEU B 83 -13.77 -8.56 14.00
CA LEU B 83 -14.62 -7.57 13.36
C LEU B 83 -15.54 -8.25 12.35
N TRP B 84 -15.05 -9.32 11.70
CA TRP B 84 -15.87 -10.08 10.78
C TRP B 84 -17.06 -10.71 11.52
N GLU B 85 -16.80 -11.28 12.69
CA GLU B 85 -17.88 -11.95 13.44
C GLU B 85 -18.91 -10.95 13.96
N ARG B 86 -18.47 -9.79 14.40
CA ARG B 86 -19.36 -8.69 14.78
C ARG B 86 -20.28 -8.34 13.60
N TYR B 87 -19.68 -8.25 12.41
CA TYR B 87 -20.42 -7.92 11.21
C TYR B 87 -21.46 -9.02 10.93
N THR B 88 -21.03 -10.28 10.94
CA THR B 88 -21.91 -11.42 10.57
C THR B 88 -23.04 -11.69 11.55
N HIS B 89 -22.82 -11.34 12.81
CA HIS B 89 -23.81 -11.50 13.85
C HIS B 89 -24.90 -10.46 13.67
N ARG B 90 -24.51 -9.20 13.51
CA ARG B 90 -25.44 -8.16 13.15
C ARG B 90 -26.20 -8.49 11.87
N ARG B 91 -25.53 -9.08 10.88
CA ARG B 91 -26.16 -9.31 9.58
C ARG B 91 -27.32 -10.28 9.73
N LYS B 92 -27.08 -11.28 10.56
CA LYS B 92 -28.05 -12.30 10.91
C LYS B 92 -29.25 -11.66 11.60
N GLU B 93 -29.04 -10.82 12.60
CA GLU B 93 -30.16 -10.12 13.24
C GLU B 93 -30.99 -9.32 12.23
N VAL B 94 -30.30 -8.56 11.37
CA VAL B 94 -30.99 -7.72 10.42
C VAL B 94 -31.71 -8.60 9.41
N SER B 95 -31.03 -9.66 8.97
CA SER B 95 -31.59 -10.60 8.01
C SER B 95 -32.92 -11.18 8.51
N GLU B 96 -32.93 -11.63 9.77
CA GLU B 96 -34.10 -12.26 10.37
C GLU B 96 -35.23 -11.28 10.61
N GLU B 97 -34.92 -10.05 11.02
CA GLU B 97 -35.91 -9.01 11.13
C GLU B 97 -36.45 -8.54 9.78
N ASN B 98 -35.71 -8.76 8.68
CA ASN B 98 -36.16 -8.32 7.35
C ASN B 98 -36.59 -9.52 6.54
N HIS B 99 -37.10 -10.54 7.24
CA HIS B 99 -37.70 -11.73 6.64
C HIS B 99 -36.74 -12.45 5.74
N ASN B 100 -35.60 -12.79 6.34
CA ASN B 100 -34.48 -13.49 5.69
C ASN B 100 -33.87 -12.76 4.50
N HIS B 101 -33.64 -11.45 4.64
CA HIS B 101 -33.01 -10.67 3.56
C HIS B 101 -32.10 -9.59 4.11
N ALA B 102 -30.79 -9.84 4.12
CA ALA B 102 -29.78 -8.89 4.63
C ALA B 102 -29.72 -7.64 3.79
N ASN B 103 -30.03 -7.79 2.49
CA ASN B 103 -29.93 -6.67 1.53
C ASN B 103 -28.53 -6.12 1.56
N GLU B 104 -27.57 -7.00 1.33
CA GLU B 104 -26.21 -6.66 1.49
C GLU B 104 -25.60 -6.13 0.18
N ARG B 105 -24.86 -5.02 0.29
CA ARG B 105 -24.20 -4.37 -0.85
C ARG B 105 -22.67 -4.23 -0.71
N MET B 106 -22.01 -3.87 -1.80
CA MET B 106 -20.59 -3.42 -1.75
C MET B 106 -20.59 -1.95 -2.08
N LEU B 107 -20.08 -1.12 -1.16
CA LEU B 107 -20.21 0.33 -1.25
C LEU B 107 -18.92 1.04 -0.81
N PHE B 108 -18.67 2.21 -1.37
CA PHE B 108 -17.45 2.96 -1.08
C PHE B 108 -17.58 3.75 0.19
N HIS B 109 -16.47 3.92 0.90
CA HIS B 109 -16.43 4.83 2.03
C HIS B 109 -15.09 5.57 1.99
N GLY B 110 -15.16 6.90 2.02
CA GLY B 110 -13.99 7.72 2.26
C GLY B 110 -14.03 8.34 3.64
N SER B 111 -12.87 8.52 4.26
CA SER B 111 -12.83 9.11 5.58
C SER B 111 -11.43 9.47 6.02
N PRO B 112 -11.30 10.56 6.77
CA PRO B 112 -10.05 10.80 7.51
C PRO B 112 -9.71 9.72 8.53
N PHE B 113 -10.68 8.89 8.92
CA PHE B 113 -10.43 7.88 9.95
C PHE B 113 -10.20 6.47 9.37
N VAL B 114 -10.02 6.37 8.05
CA VAL B 114 -9.77 5.08 7.41
C VAL B 114 -8.78 4.17 8.16
N ASN B 115 -7.72 4.73 8.72
CA ASN B 115 -6.70 3.93 9.41
C ASN B 115 -7.22 3.40 10.76
N ALA B 116 -8.15 4.11 11.38
CA ALA B 116 -8.81 3.66 12.60
C ALA B 116 -9.87 2.59 12.30
N ILE B 117 -10.57 2.78 11.19
CA ILE B 117 -11.64 1.86 10.83
C ILE B 117 -11.16 0.45 10.56
N ILE B 118 -10.08 0.33 9.82
CA ILE B 118 -9.59 -0.98 9.46
C ILE B 118 -9.08 -1.79 10.68
N HIS B 119 -8.75 -1.07 11.77
CA HIS B 119 -8.22 -1.70 13.00
C HIS B 119 -9.30 -1.84 14.07
N LYS B 120 -10.24 -0.90 14.14
CA LYS B 120 -11.21 -0.90 15.23
C LYS B 120 -12.64 -1.16 14.77
N GLY B 121 -12.86 -1.21 13.45
CA GLY B 121 -14.20 -1.46 12.90
C GLY B 121 -14.90 -0.14 12.86
N PHE B 122 -16.07 -0.05 12.22
CA PHE B 122 -16.85 1.20 12.24
C PHE B 122 -17.53 1.41 13.60
N ASP B 123 -17.64 2.64 14.05
CA ASP B 123 -18.55 2.98 15.17
C ASP B 123 -18.93 4.46 15.16
N GLU B 124 -19.67 4.87 16.19
CA GLU B 124 -20.12 6.25 16.41
C GLU B 124 -19.15 7.32 15.94
N ARG B 125 -17.85 7.17 16.23
CA ARG B 125 -16.81 8.16 15.85
C ARG B 125 -16.75 8.43 14.35
N HIS B 126 -17.22 7.44 13.57
CA HIS B 126 -17.06 7.47 12.10
C HIS B 126 -18.29 8.03 11.33
N ALA B 127 -19.30 8.45 12.10
CA ALA B 127 -20.54 9.01 11.57
C ALA B 127 -20.35 10.43 11.03
N TYR B 128 -21.22 10.76 10.10
CA TYR B 128 -21.33 12.10 9.57
C TYR B 128 -22.50 12.75 10.26
N ILE B 129 -22.18 13.48 11.32
CA ILE B 129 -23.19 14.03 12.19
C ILE B 129 -24.12 14.91 11.38
N GLY B 130 -23.56 15.77 10.53
CA GLY B 130 -24.36 16.69 9.71
C GLY B 130 -24.81 16.13 8.38
N GLY B 131 -24.91 14.82 8.27
CA GLY B 131 -25.36 14.18 7.03
C GLY B 131 -26.79 14.55 6.72
N MET B 132 -27.12 14.53 5.44
CA MET B 132 -28.46 14.87 5.01
C MET B 132 -29.55 13.89 5.48
N PHE B 133 -29.20 12.68 5.87
CA PHE B 133 -30.18 11.73 6.40
C PHE B 133 -29.85 11.40 7.84
N GLY B 134 -29.38 12.41 8.58
CA GLY B 134 -29.09 12.27 10.00
C GLY B 134 -27.70 11.75 10.30
N ALA B 135 -27.30 11.86 11.56
CA ALA B 135 -25.98 11.37 12.02
C ALA B 135 -25.87 9.84 11.90
N GLY B 136 -25.35 9.39 10.76
CA GLY B 136 -25.04 7.98 10.55
C GLY B 136 -23.75 7.84 9.79
N ILE B 137 -23.44 6.60 9.42
CA ILE B 137 -22.21 6.27 8.72
C ILE B 137 -22.66 6.12 7.26
N TYR B 138 -22.01 6.89 6.39
CA TYR B 138 -22.43 7.05 5.02
C TYR B 138 -21.54 6.30 4.03
N PHE B 139 -22.18 5.75 2.99
CA PHE B 139 -21.53 5.00 1.93
C PHE B 139 -22.09 5.38 0.55
N ALA B 140 -21.33 5.14 -0.49
CA ALA B 140 -21.68 5.63 -1.81
C ALA B 140 -21.45 4.54 -2.87
N GLU B 141 -22.32 4.52 -3.86
CA GLU B 141 -22.09 3.79 -5.08
C GLU B 141 -21.06 4.47 -5.95
N ASN B 142 -20.98 5.81 -5.92
CA ASN B 142 -20.01 6.54 -6.71
C ASN B 142 -18.69 6.60 -5.96
N SER B 143 -17.63 5.99 -6.49
CA SER B 143 -16.32 6.03 -5.82
C SER B 143 -15.88 7.52 -5.64
N SER B 144 -16.27 8.36 -6.60
CA SER B 144 -15.81 9.72 -6.68
C SER B 144 -16.55 10.54 -5.67
N LYS B 145 -17.78 10.13 -5.27
CA LYS B 145 -18.46 10.77 -4.10
C LYS B 145 -17.68 10.53 -2.81
N SER B 146 -17.41 9.26 -2.49
CA SER B 146 -16.60 8.91 -1.31
C SER B 146 -15.20 9.60 -1.33
N ASN B 147 -14.57 9.72 -2.50
CA ASN B 147 -13.30 10.55 -2.65
C ASN B 147 -13.40 11.99 -2.09
N GLN B 148 -14.57 12.59 -2.15
CA GLN B 148 -14.81 13.92 -1.53
C GLN B 148 -14.55 14.04 -0.01
N TYR B 149 -14.51 12.91 0.71
CA TYR B 149 -14.39 12.87 2.20
C TYR B 149 -13.01 12.33 2.69
N VAL B 150 -12.13 12.03 1.74
CA VAL B 150 -10.83 11.41 2.02
C VAL B 150 -10.01 12.31 2.95
N TYR B 151 -10.07 13.60 2.67
CA TYR B 151 -9.43 14.63 3.50
C TYR B 151 -10.46 15.38 4.37
N GLY B 152 -11.59 14.73 4.64
CA GLY B 152 -12.58 15.27 5.59
C GLY B 152 -13.80 15.82 4.91
N ILE B 153 -14.75 16.28 5.71
CA ILE B 153 -15.99 16.85 5.18
C ILE B 153 -15.66 17.95 4.15
N GLY B 154 -16.32 17.92 3.00
CA GLY B 154 -16.06 18.91 1.94
C GLY B 154 -14.63 18.90 1.39
N GLY B 155 -13.84 17.88 1.73
CA GLY B 155 -12.45 17.73 1.31
C GLY B 155 -11.44 18.40 2.26
N GLY B 156 -11.93 18.89 3.40
CA GLY B 156 -11.16 19.69 4.34
C GLY B 156 -10.30 20.73 3.66
N THR B 157 -9.00 20.74 3.96
CA THR B 157 -8.05 21.64 3.33
C THR B 157 -7.18 20.85 2.31
N GLY B 158 -7.67 19.70 1.87
CA GLY B 158 -6.94 18.81 0.96
C GLY B 158 -5.80 18.01 1.57
N CYS B 159 -4.84 17.62 0.74
CA CYS B 159 -3.74 16.80 1.20
C CYS B 159 -2.92 17.49 2.28
N PRO B 160 -2.38 16.72 3.23
CA PRO B 160 -1.52 17.30 4.26
C PRO B 160 -0.29 18.02 3.71
N VAL B 161 0.31 17.54 2.62
CA VAL B 161 1.61 18.05 2.17
C VAL B 161 1.43 19.33 1.38
N HIS B 162 0.46 19.35 0.49
CA HIS B 162 0.26 20.52 -0.38
C HIS B 162 -1.00 21.36 -0.08
N LYS B 163 -1.82 20.97 0.87
CA LYS B 163 -3.13 21.60 1.12
C LYS B 163 -3.93 21.76 -0.18
N ASP B 164 -4.02 20.67 -0.94
CA ASP B 164 -4.64 20.73 -2.25
C ASP B 164 -5.65 19.61 -2.35
N ARG B 165 -6.93 19.99 -2.42
CA ARG B 165 -8.04 19.08 -2.59
C ARG B 165 -8.01 18.34 -3.94
N SER B 166 -7.31 18.93 -4.90
CA SER B 166 -7.13 18.30 -6.18
C SER B 166 -5.72 17.80 -6.38
N CYS B 167 -5.01 17.45 -5.29
CA CYS B 167 -3.62 17.00 -5.41
C CYS B 167 -3.58 15.74 -6.24
N TYR B 168 -2.70 15.77 -7.25
CA TYR B 168 -2.42 14.66 -8.17
C TYR B 168 -1.19 13.85 -7.75
N ILE B 169 -0.52 14.27 -6.67
CA ILE B 169 0.72 13.66 -6.25
C ILE B 169 0.50 12.66 -5.10
N CYS B 170 -0.22 13.08 -4.06
CA CYS B 170 -0.25 12.33 -2.81
C CYS B 170 -1.23 11.19 -2.92
N HIS B 171 -0.95 10.14 -2.19
CA HIS B 171 -1.64 8.87 -2.28
C HIS B 171 -2.89 8.95 -1.44
N ARG B 172 -4.02 8.54 -1.99
CA ARG B 172 -5.28 8.52 -1.23
C ARG B 172 -5.63 7.10 -0.90
N GLN B 173 -6.46 6.92 0.12
CA GLN B 173 -7.06 5.60 0.37
C GLN B 173 -8.59 5.69 0.44
N LEU B 174 -9.28 4.67 -0.07
CA LEU B 174 -10.73 4.50 0.12
C LEU B 174 -10.98 3.07 0.61
N LEU B 175 -12.07 2.89 1.32
CA LEU B 175 -12.57 1.54 1.66
C LEU B 175 -13.68 1.17 0.68
N PHE B 176 -13.71 -0.09 0.30
CA PHE B 176 -14.82 -0.71 -0.41
C PHE B 176 -15.32 -1.80 0.55
N CYS B 177 -16.53 -1.60 1.06
CA CYS B 177 -17.05 -2.22 2.22
C CYS B 177 -18.27 -3.09 1.96
N ARG B 178 -18.42 -4.11 2.79
CA ARG B 178 -19.66 -4.86 2.80
C ARG B 178 -20.62 -4.17 3.75
N VAL B 179 -21.81 -3.81 3.24
CA VAL B 179 -22.81 -3.04 4.02
C VAL B 179 -24.16 -3.77 4.04
N THR B 180 -24.67 -3.99 5.26
CA THR B 180 -25.98 -4.62 5.46
C THR B 180 -27.03 -3.51 5.54
N LEU B 181 -27.87 -3.46 4.52
CA LEU B 181 -28.89 -2.41 4.45
C LEU B 181 -30.18 -2.78 5.13
N GLY B 182 -30.50 -4.06 5.16
CA GLY B 182 -31.73 -4.52 5.79
C GLY B 182 -32.93 -3.90 5.06
N LYS B 183 -33.98 -3.61 5.78
CA LYS B 183 -35.05 -2.78 5.21
C LYS B 183 -34.58 -1.32 5.11
N SER B 184 -34.43 -0.80 3.90
CA SER B 184 -33.93 0.58 3.70
C SER B 184 -35.06 1.58 3.38
N PHE B 185 -35.06 2.70 4.10
CA PHE B 185 -36.03 3.75 3.89
C PHE B 185 -35.60 4.58 2.69
N LEU B 186 -36.46 4.66 1.70
CA LEU B 186 -36.10 5.28 0.47
C LEU B 186 -36.34 6.79 0.61
N GLN B 187 -35.26 7.58 0.63
CA GLN B 187 -35.38 9.02 0.72
C GLN B 187 -34.94 9.56 -0.61
N PHE B 188 -35.82 10.32 -1.26
CA PHE B 188 -35.47 11.02 -2.49
C PHE B 188 -34.88 12.37 -2.10
N SER B 189 -33.82 12.77 -2.78
CA SER B 189 -33.04 13.89 -2.34
C SER B 189 -32.75 14.81 -3.48
N ALA B 190 -33.07 16.08 -3.29
CA ALA B 190 -32.93 17.11 -4.30
C ALA B 190 -31.49 17.21 -4.86
N MET B 191 -30.50 16.72 -4.09
CA MET B 191 -29.15 16.51 -4.62
C MET B 191 -29.13 15.37 -5.67
N ALA B 194 -27.91 9.06 15.62
CA ALA B 194 -29.28 9.00 15.10
C ALA B 194 -29.74 7.55 14.93
N HIS B 195 -31.03 7.35 14.72
CA HIS B 195 -31.64 6.02 14.73
C HIS B 195 -32.26 5.79 13.39
N SER B 196 -32.33 4.53 12.99
CA SER B 196 -33.00 4.18 11.75
C SER B 196 -34.46 4.61 11.88
N PRO B 197 -35.10 4.91 10.73
CA PRO B 197 -36.54 5.06 10.76
C PRO B 197 -37.19 3.78 11.32
N PRO B 198 -38.34 3.90 12.01
CA PRO B 198 -38.96 2.74 12.68
C PRO B 198 -39.22 1.52 11.77
N GLY B 199 -38.77 0.36 12.24
CA GLY B 199 -38.84 -0.87 11.48
C GLY B 199 -37.83 -0.93 10.35
N HIS B 200 -37.05 0.16 10.16
CA HIS B 200 -35.99 0.21 9.10
C HIS B 200 -34.56 0.00 9.67
N HIS B 201 -33.63 -0.37 8.79
CA HIS B 201 -32.22 -0.64 9.17
C HIS B 201 -31.20 0.27 8.46
N SER B 202 -31.65 1.06 7.49
CA SER B 202 -30.80 2.03 6.83
C SER B 202 -31.66 3.01 6.09
N VAL B 203 -31.01 4.01 5.48
CA VAL B 203 -31.64 4.92 4.52
C VAL B 203 -30.91 4.92 3.18
N THR B 204 -31.67 4.88 2.09
CA THR B 204 -31.18 4.95 0.74
C THR B 204 -31.49 6.38 0.28
N GLY B 205 -30.46 7.16 0.04
CA GLY B 205 -30.62 8.54 -0.43
C GLY B 205 -30.49 8.54 -1.93
N ARG B 206 -31.57 8.76 -2.66
CA ARG B 206 -31.54 8.66 -4.13
C ARG B 206 -31.62 10.01 -4.81
N PRO B 207 -30.51 10.45 -5.41
CA PRO B 207 -30.59 11.69 -6.17
C PRO B 207 -31.73 11.69 -7.21
N SER B 208 -32.56 12.73 -7.12
CA SER B 208 -33.74 12.95 -7.95
C SER B 208 -33.50 13.94 -9.08
N VAL B 209 -32.56 14.87 -8.90
CA VAL B 209 -32.22 15.90 -9.92
C VAL B 209 -31.15 15.37 -10.87
N ASN B 210 -29.96 15.11 -10.36
CA ASN B 210 -28.86 14.60 -11.19
C ASN B 210 -29.07 13.13 -11.62
N GLY B 211 -29.46 12.96 -12.87
CA GLY B 211 -29.77 11.65 -13.37
C GLY B 211 -28.59 10.73 -13.46
N LEU B 212 -27.38 11.29 -13.36
CA LEU B 212 -26.18 10.47 -13.42
C LEU B 212 -25.66 10.09 -12.04
N ALA B 213 -26.17 10.74 -11.00
CA ALA B 213 -25.68 10.55 -9.66
C ALA B 213 -26.25 9.26 -9.06
N LEU B 214 -25.36 8.37 -8.62
CA LEU B 214 -25.78 7.15 -7.96
C LEU B 214 -26.24 7.37 -6.52
N ALA B 215 -26.70 6.30 -5.85
CA ALA B 215 -27.31 6.43 -4.53
C ALA B 215 -26.27 6.50 -3.45
N GLU B 216 -26.69 7.05 -2.32
CA GLU B 216 -25.84 7.18 -1.14
C GLU B 216 -26.59 6.54 0.00
N TYR B 217 -25.92 5.88 0.92
CA TYR B 217 -26.60 5.06 1.92
C TYR B 217 -26.10 5.35 3.31
N VAL B 218 -27.02 5.27 4.28
CA VAL B 218 -26.73 5.54 5.69
C VAL B 218 -27.12 4.34 6.53
N ILE B 219 -26.17 3.84 7.31
CA ILE B 219 -26.44 2.95 8.43
C ILE B 219 -26.24 3.67 9.75
N TYR B 220 -26.91 3.22 10.81
CA TYR B 220 -26.81 3.85 12.14
C TYR B 220 -26.08 3.01 13.17
N ARG B 221 -25.53 1.90 12.76
CA ARG B 221 -24.79 1.05 13.67
C ARG B 221 -23.58 0.62 12.88
N GLY B 222 -22.39 0.79 13.45
CA GLY B 222 -21.17 0.38 12.79
C GLY B 222 -21.07 -1.12 12.53
N GLU B 223 -21.77 -1.94 13.32
CA GLU B 223 -21.71 -3.37 13.08
C GLU B 223 -22.29 -3.75 11.72
N GLN B 224 -23.01 -2.87 11.04
CA GLN B 224 -23.59 -3.21 9.72
C GLN B 224 -22.68 -2.99 8.52
N ALA B 225 -21.44 -2.57 8.74
CA ALA B 225 -20.51 -2.42 7.64
C ALA B 225 -19.12 -3.11 7.98
N TYR B 226 -18.50 -3.76 7.00
CA TYR B 226 -17.15 -4.34 7.16
C TYR B 226 -16.25 -3.79 6.07
N PRO B 227 -15.10 -3.19 6.43
CA PRO B 227 -14.21 -2.65 5.41
C PRO B 227 -13.38 -3.74 4.74
N GLU B 228 -13.94 -4.34 3.72
CA GLU B 228 -13.34 -5.48 3.05
C GLU B 228 -12.03 -5.20 2.33
N TYR B 229 -12.05 -4.16 1.49
CA TYR B 229 -10.89 -3.75 0.73
C TYR B 229 -10.40 -2.36 1.08
N LEU B 230 -9.08 -2.20 1.16
CA LEU B 230 -8.42 -0.89 1.32
C LEU B 230 -7.68 -0.58 0.02
N ILE B 231 -8.06 0.52 -0.61
CA ILE B 231 -7.65 0.86 -1.96
C ILE B 231 -6.79 2.10 -1.90
N THR B 232 -5.55 2.01 -2.41
CA THR B 232 -4.60 3.11 -2.44
C THR B 232 -4.49 3.60 -3.86
N TYR B 233 -4.65 4.91 -4.07
CA TYR B 233 -4.77 5.50 -5.37
C TYR B 233 -4.38 6.98 -5.40
N GLN B 234 -4.21 7.50 -6.63
CA GLN B 234 -4.12 8.91 -6.88
C GLN B 234 -5.26 9.25 -7.83
N ILE B 235 -5.75 10.48 -7.80
CA ILE B 235 -6.63 10.95 -8.85
C ILE B 235 -5.72 11.36 -9.99
N MET B 236 -6.18 11.24 -11.22
CA MET B 236 -5.33 11.54 -12.37
C MET B 236 -5.74 12.88 -13.06
N ARG B 237 -4.75 13.75 -13.32
CA ARG B 237 -5.02 14.98 -14.09
C ARG B 237 -5.57 14.63 -15.48
N PRO B 238 -6.76 15.15 -15.84
CA PRO B 238 -7.22 14.86 -17.18
C PRO B 238 -6.36 15.56 -18.26
N GLU B 239 -6.34 15.00 -19.46
CA GLU B 239 -5.55 15.48 -20.60
C GLU B 239 -6.31 16.43 -21.50
ZN ZN C . 11.41 -24.30 1.88
N1 XAV D . 12.54 -5.71 -3.92
C2 XAV D . 11.49 -5.42 -4.68
N3 XAV D . 10.64 -4.48 -4.26
C4 XAV D . 10.80 -3.76 -3.17
C5 XAV D . 11.90 -3.99 -2.36
C6 XAV D . 12.75 -5.01 -2.77
O6 XAV D . 13.79 -5.31 -1.96
FAB XAV D . 9.57 -7.93 -10.26
FAC XAV D . 11.70 -7.98 -10.44
FAD XAV D . 10.64 -9.58 -9.41
CAE XAV D . 12.22 -6.89 -6.45
CAF XAV D . 10.02 -5.99 -6.57
CAG XAV D . 12.04 -7.57 -7.66
CAH XAV D . 9.83 -6.70 -7.77
CAI XAV D . 9.63 -2.39 -1.45
CAJ XAV D . 9.69 -2.73 -2.91
CAK XAV D . 12.14 -3.27 -1.07
SAN XAV D . 11.24 -1.69 -1.00
CAP XAV D . 11.25 -6.11 -5.88
CAQ XAV D . 10.84 -7.49 -8.32
CAU XAV D . 10.68 -8.27 -9.64
S SO4 E . 4.09 -3.31 5.32
O1 SO4 E . 5.08 -4.09 4.61
O2 SO4 E . 2.84 -3.44 4.62
O3 SO4 E . 4.03 -3.64 6.74
O4 SO4 E . 4.48 -1.91 5.33
S SO4 F . 12.60 -14.81 18.79
O1 SO4 F . 13.02 -14.14 20.02
O2 SO4 F . 12.82 -16.25 18.84
O3 SO4 F . 11.17 -14.56 18.63
O4 SO4 F . 13.37 -14.26 17.69
C1 GOL G . 6.42 -0.51 -3.31
O1 GOL G . 5.33 -0.64 -4.16
C2 GOL G . 6.04 0.45 -2.20
O2 GOL G . 5.80 -0.16 -0.92
C3 GOL G . 7.12 1.52 -2.14
O3 GOL G . 8.43 0.99 -2.03
ZN ZN H . -0.41 16.59 -2.07
N1 XAV I . -17.84 9.35 3.73
C2 XAV I . -18.47 10.32 4.41
N3 XAV I . -19.60 10.81 3.93
C4 XAV I . -20.20 10.41 2.82
C5 XAV I . -19.59 9.43 2.04
C6 XAV I . -18.38 8.94 2.55
O6 XAV I . -17.76 8.02 1.85
FAB XAV I . -17.17 13.15 9.84
FAC XAV I . -16.17 11.23 10.22
FAD XAV I . -15.17 12.72 9.24
CAE XAV I . -16.94 10.19 6.26
CAF XAV I . -18.53 12.00 6.19
CAG XAV I . -16.42 10.62 7.46
CAH XAV I . -18.01 12.43 7.43
CAI XAV I . -21.88 10.95 1.02
CAJ XAV I . -21.49 11.13 2.48
CAK XAV I . -20.20 8.89 0.75
SAN XAV I . -21.99 9.18 0.67
CAP XAV I . -18.00 10.83 5.62
CAQ XAV I . -16.95 11.77 8.04
CAU XAV I . -16.36 12.23 9.36
S SO4 J . -22.46 16.31 -5.98
O1 SO4 J . -23.52 15.39 -5.71
O2 SO4 J . -22.28 16.48 -7.41
O3 SO4 J . -22.77 17.56 -5.35
O4 SO4 J . -21.31 15.71 -5.31
S SO4 K . -8.46 11.69 -18.98
O1 SO4 K . -8.97 10.46 -19.57
O2 SO4 K . -9.60 12.52 -18.63
O3 SO4 K . -7.73 11.35 -17.75
O4 SO4 K . -7.62 12.44 -19.91
C1 GOL L . -24.20 13.76 2.91
O1 GOL L . -24.97 14.87 3.29
C2 GOL L . -24.70 13.10 1.64
O2 GOL L . -24.93 13.97 0.54
C3 GOL L . -25.91 12.23 1.91
O3 GOL L . -25.61 10.88 1.59
#